data_5TKG
#
_entry.id   5TKG
#
_cell.length_a   67.350
_cell.length_b   42.210
_cell.length_c   69.480
_cell.angle_alpha   90.000
_cell.angle_beta   98.960
_cell.angle_gamma   90.000
#
_symmetry.space_group_name_H-M   'P 1 21 1'
#
loop_
_entity.id
_entity.type
_entity.pdbx_description
1 polymer 'Lytic polysaccharide monooxygenase'
2 branched 2-acetamido-2-deoxy-beta-D-glucopyranose-(1-4)-2-acetamido-2-deoxy-beta-D-glucopyranose
3 branched alpha-D-mannopyranose-(1-4)-2-acetamido-2-deoxy-beta-D-glucopyranose-(1-4)-2-acetamido-2-deoxy-beta-D-glucopyranose
4 non-polymer 'COPPER (II) ION'
5 non-polymer 'OXYGEN MOLECULE'
6 water water
#
_entity_poly.entity_id   1
_entity_poly.type   'polypeptide(L)'
_entity_poly.pdbx_seq_one_letter_code
;HTIFSSLEVNGVNQGLGEGVRVPTYNGPIEDVTSASIACNGSPNTVASTSKVITVQAGTNVTAIWRYMLSTTGDSPADVM
DSSHKGPTIAYLKKVDNAATASGVGNGWFKIQQDGMDSSGVWGTERVINGKGRHSIKIPECIAPGQYLLRAEMIALHAAS
NYPGAQFYMECAQLNVVGGTGAKTPSTVSFPGAYSGSDPGVKISIYWPPVTSYTVPGPSVFTC
;
_entity_poly.pdbx_strand_id   A,B
#
loop_
_chem_comp.id
_chem_comp.type
_chem_comp.name
_chem_comp.formula
CU non-polymer 'COPPER (II) ION' 'Cu 2'
MAN D-saccharide, alpha linking alpha-D-mannopyranose 'C6 H12 O6'
NAG D-saccharide, beta linking 2-acetamido-2-deoxy-beta-D-glucopyranose 'C8 H15 N O6'
OXY non-polymer 'OXYGEN MOLECULE' O2
#
# COMPACT_ATOMS: atom_id res chain seq x y z
N HIS A 1 3.80 2.19 6.38
CA HIS A 1 3.28 0.85 6.60
C HIS A 1 3.43 0.48 8.06
N THR A 2 2.30 0.25 8.74
CA THR A 2 2.26 0.06 10.18
C THR A 2 0.88 -0.44 10.54
N ILE A 3 0.75 -1.02 11.74
CA ILE A 3 -0.49 -1.55 12.28
C ILE A 3 -0.55 -1.22 13.76
N PHE A 4 -1.69 -0.69 14.21
CA PHE A 4 -2.02 -0.60 15.63
C PHE A 4 -2.52 -1.99 15.97
N SER A 5 -1.65 -2.80 16.57
CA SER A 5 -1.95 -4.22 16.67
C SER A 5 -2.22 -4.71 18.09
N SER A 6 -2.04 -3.86 19.10
CA SER A 6 -2.39 -4.21 20.48
C SER A 6 -2.56 -2.92 21.25
N LEU A 7 -3.27 -3.03 22.39
CA LEU A 7 -3.55 -1.88 23.23
C LEU A 7 -3.06 -2.18 24.64
N GLU A 8 -2.41 -1.19 25.27
CA GLU A 8 -1.96 -1.30 26.65
C GLU A 8 -2.86 -0.45 27.53
N VAL A 9 -3.29 -1.01 28.66
CA VAL A 9 -4.16 -0.32 29.59
C VAL A 9 -3.67 -0.61 31.00
N ASN A 10 -3.46 0.45 31.79
CA ASN A 10 -2.99 0.31 33.17
C ASN A 10 -1.74 -0.54 33.24
N GLY A 11 -0.84 -0.34 32.28
CA GLY A 11 0.42 -1.04 32.25
C GLY A 11 0.40 -2.44 31.67
N VAL A 12 -0.74 -2.93 31.19
CA VAL A 12 -0.90 -4.31 30.74
C VAL A 12 -1.29 -4.32 29.26
N ASN A 13 -0.48 -4.99 28.45
CA ASN A 13 -0.83 -5.19 27.05
C ASN A 13 -1.94 -6.23 26.98
N GLN A 14 -2.98 -5.92 26.22
CA GLN A 14 -4.15 -6.78 26.16
C GLN A 14 -4.00 -7.94 25.19
N GLY A 15 -2.92 -8.00 24.44
CA GLY A 15 -2.60 -9.12 23.56
C GLY A 15 -2.64 -8.74 22.09
N LEU A 16 -1.86 -9.45 21.29
CA LEU A 16 -1.77 -9.15 19.86
C LEU A 16 -3.08 -9.46 19.18
N GLY A 17 -3.70 -8.45 18.60
CA GLY A 17 -5.00 -8.61 17.97
C GLY A 17 -6.13 -8.95 18.90
N GLU A 18 -5.96 -8.75 20.20
CA GLU A 18 -6.99 -9.10 21.19
C GLU A 18 -7.67 -7.81 21.63
N GLY A 19 -8.91 -7.64 21.17
CA GLY A 19 -9.61 -6.40 21.41
C GLY A 19 -9.26 -5.29 20.45
N VAL A 20 -8.34 -5.54 19.52
CA VAL A 20 -8.04 -4.65 18.40
C VAL A 20 -8.29 -5.46 17.15
N ARG A 21 -9.07 -4.91 16.23
CA ARG A 21 -9.44 -5.59 14.98
C ARG A 21 -8.31 -5.33 13.98
N VAL A 22 -7.44 -6.31 13.78
CA VAL A 22 -6.21 -6.05 13.02
C VAL A 22 -6.27 -6.61 11.61
N PRO A 23 -5.77 -5.87 10.64
CA PRO A 23 -5.42 -6.48 9.36
C PRO A 23 -4.10 -7.22 9.49
N THR A 24 -3.88 -8.20 8.59
N THR A 24 -3.86 -8.13 8.54
CA THR A 24 -2.55 -8.77 8.46
CA THR A 24 -2.51 -8.68 8.40
C THR A 24 -1.72 -7.94 7.50
C THR A 24 -1.64 -7.77 7.55
N TYR A 25 -2.32 -7.21 6.55
N TYR A 25 -2.19 -7.26 6.45
CA TYR A 25 -1.52 -6.36 5.68
CA TYR A 25 -1.42 -6.33 5.63
C TYR A 25 -1.43 -4.96 6.28
C TYR A 25 -1.39 -4.97 6.27
N ASN A 26 -0.22 -4.37 6.22
CA ASN A 26 0.04 -3.09 6.86
C ASN A 26 -0.07 -1.91 5.91
N GLY A 27 -0.68 -2.08 4.74
CA GLY A 27 -0.81 -0.99 3.80
C GLY A 27 -1.92 -0.03 4.16
N PRO A 28 -1.80 1.20 3.67
CA PRO A 28 -2.74 2.24 4.07
C PRO A 28 -4.06 2.19 3.32
N ILE A 29 -5.07 2.77 3.94
CA ILE A 29 -6.25 3.22 3.21
C ILE A 29 -5.89 4.55 2.54
N GLU A 30 -6.44 4.77 1.35
N GLU A 30 -6.41 4.75 1.34
CA GLU A 30 -6.11 5.92 0.54
CA GLU A 30 -6.09 5.95 0.55
C GLU A 30 -7.32 6.77 0.20
C GLU A 30 -7.31 6.74 0.10
N ASP A 31 -8.50 6.18 0.17
CA ASP A 31 -9.71 6.86 -0.25
C ASP A 31 -10.51 7.22 0.99
N VAL A 32 -10.57 8.52 1.32
CA VAL A 32 -11.26 8.96 2.52
C VAL A 32 -12.76 8.79 2.44
N THR A 33 -13.30 8.52 1.23
CA THR A 33 -14.73 8.25 1.09
C THR A 33 -15.10 6.79 1.24
N SER A 34 -14.10 5.92 1.33
CA SER A 34 -14.39 4.51 1.46
C SER A 34 -14.87 4.15 2.86
N ALA A 35 -15.76 3.17 2.94
CA ALA A 35 -16.13 2.60 4.24
C ALA A 35 -14.93 2.14 5.03
N SER A 36 -13.85 1.77 4.34
CA SER A 36 -12.65 1.30 5.01
C SER A 36 -11.96 2.38 5.84
N ILE A 37 -12.27 3.66 5.65
CA ILE A 37 -11.61 4.70 6.42
C ILE A 37 -11.99 4.64 7.89
N ALA A 38 -13.12 4.00 8.24
CA ALA A 38 -13.57 3.98 9.63
C ALA A 38 -12.68 3.11 10.50
N CYS A 39 -12.64 1.81 10.19
CA CYS A 39 -11.91 0.82 10.98
C CYS A 39 -11.06 -0.06 10.08
N ASN A 40 -10.53 0.52 9.01
CA ASN A 40 -9.77 -0.24 8.02
C ASN A 40 -10.71 -1.18 7.27
N GLY A 41 -10.21 -1.93 6.31
CA GLY A 41 -11.05 -2.78 5.50
C GLY A 41 -10.50 -2.92 4.10
N SER A 42 -11.37 -3.35 3.20
CA SER A 42 -10.99 -3.66 1.82
C SER A 42 -10.22 -2.49 1.22
N PRO A 43 -9.14 -2.75 0.46
CA PRO A 43 -8.70 -4.05 -0.05
C PRO A 43 -7.88 -4.85 0.96
N ASN A 44 -7.70 -4.36 2.19
N ASN A 44 -7.78 -4.38 2.19
CA ASN A 44 -7.14 -5.15 3.28
CA ASN A 44 -7.21 -5.15 3.29
C ASN A 44 -8.19 -6.16 3.71
C ASN A 44 -8.31 -5.98 3.91
N THR A 45 -7.83 -6.99 4.68
N THR A 45 -7.91 -7.03 4.60
CA THR A 45 -8.77 -7.85 5.36
CA THR A 45 -8.84 -7.87 5.35
C THR A 45 -8.56 -7.69 6.86
C THR A 45 -8.56 -7.69 6.83
N VAL A 46 -9.63 -7.50 7.60
CA VAL A 46 -9.53 -7.19 9.03
C VAL A 46 -10.12 -8.33 9.83
N ALA A 47 -9.39 -8.80 10.81
CA ALA A 47 -9.86 -9.87 11.67
C ALA A 47 -10.86 -9.34 12.67
N SER A 48 -11.69 -10.23 13.18
CA SER A 48 -12.54 -9.93 14.31
C SER A 48 -11.90 -10.43 15.60
N THR A 49 -12.45 -10.00 16.73
CA THR A 49 -11.94 -10.37 18.03
C THR A 49 -13.09 -10.29 19.02
N SER A 50 -13.20 -11.28 19.91
CA SER A 50 -14.27 -11.28 20.90
C SER A 50 -13.84 -10.67 22.21
N LYS A 51 -12.67 -10.09 22.29
CA LYS A 51 -12.25 -9.41 23.51
C LYS A 51 -12.73 -7.97 23.50
N VAL A 52 -13.35 -7.54 24.60
CA VAL A 52 -13.71 -6.14 24.81
C VAL A 52 -12.88 -5.70 26.02
N ILE A 53 -12.05 -4.69 25.82
CA ILE A 53 -11.05 -4.25 26.78
C ILE A 53 -11.65 -3.24 27.74
N THR A 54 -11.48 -3.48 29.04
CA THR A 54 -11.98 -2.56 30.06
C THR A 54 -10.99 -1.43 30.32
N VAL A 55 -11.50 -0.21 30.39
N VAL A 55 -11.51 -0.22 30.43
CA VAL A 55 -10.67 0.92 30.77
CA VAL A 55 -10.70 0.96 30.72
C VAL A 55 -11.48 1.86 31.65
C VAL A 55 -11.47 1.88 31.66
N GLN A 56 -10.85 2.33 32.71
N GLN A 56 -10.80 2.36 32.71
CA GLN A 56 -11.45 3.33 33.58
CA GLN A 56 -11.38 3.38 33.57
C GLN A 56 -11.44 4.70 32.90
C GLN A 56 -11.43 4.71 32.84
N ALA A 57 -12.59 5.35 32.85
CA ALA A 57 -12.70 6.69 32.28
C ALA A 57 -11.74 7.63 33.01
N GLY A 58 -11.18 8.57 32.24
N GLY A 58 -11.17 8.58 32.26
CA GLY A 58 -10.23 9.53 32.76
CA GLY A 58 -10.21 9.50 32.84
C GLY A 58 -8.78 9.10 32.66
C GLY A 58 -8.83 8.91 33.05
N THR A 59 -8.52 7.81 32.39
CA THR A 59 -7.19 7.25 32.32
C THR A 59 -6.85 7.04 30.85
N ASN A 60 -5.62 6.62 30.57
CA ASN A 60 -5.15 6.50 29.20
C ASN A 60 -5.10 5.06 28.70
N VAL A 61 -5.38 4.90 27.45
CA VAL A 61 -5.03 3.69 26.73
C VAL A 61 -3.83 4.05 25.87
N THR A 62 -2.97 3.07 25.59
CA THR A 62 -1.80 3.30 24.74
C THR A 62 -1.86 2.34 23.57
N ALA A 63 -2.09 2.89 22.38
CA ALA A 63 -2.02 2.08 21.18
C ALA A 63 -0.56 1.75 20.92
N ILE A 64 -0.30 0.50 20.56
CA ILE A 64 1.05 0.01 20.32
C ILE A 64 1.17 -0.30 18.83
N TRP A 65 1.86 0.57 18.12
CA TRP A 65 2.04 0.48 16.67
C TRP A 65 3.27 -0.35 16.34
N ARG A 66 3.12 -1.22 15.35
CA ARG A 66 4.18 -2.10 14.89
C ARG A 66 4.15 -2.19 13.38
N TYR A 67 5.30 -2.51 12.81
CA TYR A 67 5.42 -2.59 11.36
C TYR A 67 4.49 -3.65 10.79
N MET A 68 4.55 -4.87 11.34
CA MET A 68 3.75 -5.99 10.90
C MET A 68 3.26 -6.73 12.13
N LEU A 69 2.29 -7.62 11.93
CA LEU A 69 1.82 -8.47 13.03
C LEU A 69 2.91 -9.38 13.55
N SER A 70 3.90 -9.73 12.73
CA SER A 70 5.00 -10.61 13.14
C SER A 70 6.12 -9.86 13.83
N THR A 71 6.09 -8.53 13.85
CA THR A 71 7.18 -7.76 14.40
C THR A 71 7.26 -7.99 15.89
N THR A 72 8.46 -8.29 16.37
N THR A 72 8.47 -8.32 16.35
CA THR A 72 8.63 -8.51 17.79
CA THR A 72 8.78 -8.56 17.76
C THR A 72 9.56 -7.52 18.47
C THR A 72 9.35 -7.34 18.45
N GLY A 73 10.20 -6.59 17.76
CA GLY A 73 10.96 -5.52 18.38
C GLY A 73 10.17 -4.22 18.52
N ASP A 74 10.85 -3.18 19.04
CA ASP A 74 10.23 -1.87 19.23
C ASP A 74 11.14 -0.71 18.81
N SER A 75 12.15 -0.99 17.99
N SER A 75 12.15 -0.98 18.00
CA SER A 75 12.99 0.05 17.44
CA SER A 75 12.99 0.07 17.46
C SER A 75 12.21 0.82 16.37
C SER A 75 12.22 0.82 16.37
N PRO A 76 12.74 1.95 15.90
CA PRO A 76 12.01 2.71 14.86
C PRO A 76 11.56 1.88 13.67
N ALA A 77 12.44 1.06 13.10
CA ALA A 77 12.06 0.26 11.93
C ALA A 77 11.01 -0.78 12.26
N ASP A 78 10.85 -1.12 13.55
CA ASP A 78 9.81 -2.05 13.99
C ASP A 78 8.46 -1.37 14.18
N VAL A 79 8.39 -0.06 13.98
CA VAL A 79 7.17 0.70 14.13
C VAL A 79 6.66 1.18 12.78
N MET A 80 7.42 2.05 12.11
CA MET A 80 7.05 2.59 10.82
C MET A 80 8.29 3.30 10.26
N ASP A 81 8.40 3.32 8.93
CA ASP A 81 9.53 3.97 8.31
C ASP A 81 9.54 5.46 8.62
N SER A 82 10.74 6.00 8.87
N SER A 82 10.75 5.98 8.86
CA SER A 82 10.82 7.39 9.31
CA SER A 82 10.92 7.38 9.26
C SER A 82 10.50 8.40 8.21
C SER A 82 10.39 8.36 8.23
N SER A 83 10.31 7.96 6.95
CA SER A 83 9.79 8.86 5.93
C SER A 83 8.36 9.28 6.23
N HIS A 84 7.62 8.44 6.97
CA HIS A 84 6.17 8.59 7.15
C HIS A 84 5.83 9.63 8.22
N LYS A 85 6.08 10.89 7.89
CA LYS A 85 5.81 11.99 8.78
C LYS A 85 4.35 12.42 8.66
N GLY A 86 3.73 12.67 9.80
CA GLY A 86 2.37 13.15 9.83
C GLY A 86 1.81 13.10 11.24
N PRO A 87 0.49 13.31 11.36
CA PRO A 87 -0.16 13.36 12.67
C PRO A 87 -0.53 11.98 13.20
N THR A 88 -0.67 11.91 14.52
CA THR A 88 -1.39 10.83 15.19
C THR A 88 -2.72 11.37 15.72
N ILE A 89 -3.75 10.53 15.73
CA ILE A 89 -5.10 10.98 16.03
C ILE A 89 -5.85 9.81 16.65
N ALA A 90 -6.83 10.11 17.51
CA ALA A 90 -7.65 9.05 18.07
C ALA A 90 -9.06 9.56 18.30
N TYR A 91 -10.03 8.65 18.10
CA TYR A 91 -11.46 8.93 18.20
C TYR A 91 -12.16 7.82 18.99
N LEU A 92 -13.30 8.17 19.59
CA LEU A 92 -14.21 7.20 20.18
C LEU A 92 -15.56 7.25 19.48
N LYS A 93 -16.29 6.14 19.56
N LYS A 93 -16.29 6.13 19.55
CA LYS A 93 -17.67 6.02 19.05
CA LYS A 93 -17.67 6.08 19.08
C LYS A 93 -18.44 5.19 20.05
C LYS A 93 -18.45 5.20 20.04
N LYS A 94 -19.52 5.75 20.63
CA LYS A 94 -20.38 4.98 21.51
C LYS A 94 -21.19 3.99 20.68
N VAL A 95 -21.18 2.72 21.07
CA VAL A 95 -21.88 1.68 20.33
C VAL A 95 -22.61 0.76 21.31
N ASP A 96 -23.60 0.03 20.76
N ASP A 96 -23.58 0.02 20.78
CA ASP A 96 -24.34 -0.94 21.54
CA ASP A 96 -24.30 -0.89 21.66
C ASP A 96 -23.45 -2.11 21.95
C ASP A 96 -23.53 -2.18 21.94
N ASN A 97 -22.66 -2.63 21.01
CA ASN A 97 -21.86 -3.83 21.21
C ASN A 97 -20.53 -3.61 20.52
N ALA A 98 -19.45 -3.51 21.29
CA ALA A 98 -18.16 -3.15 20.72
C ALA A 98 -17.58 -4.25 19.85
N ALA A 99 -18.12 -5.47 19.90
CA ALA A 99 -17.60 -6.55 19.05
C ALA A 99 -18.30 -6.61 17.71
N THR A 100 -19.46 -6.00 17.57
CA THR A 100 -20.17 -6.10 16.31
C THR A 100 -20.38 -4.79 15.58
N ALA A 101 -20.28 -3.64 16.23
CA ALA A 101 -20.46 -2.39 15.51
C ALA A 101 -19.40 -2.26 14.41
N SER A 102 -19.80 -1.88 13.18
CA SER A 102 -18.78 -1.80 12.12
C SER A 102 -17.90 -0.55 12.25
N GLY A 103 -18.39 0.48 12.92
CA GLY A 103 -17.72 1.75 12.98
C GLY A 103 -18.08 2.70 11.85
N VAL A 104 -18.73 2.22 10.80
CA VAL A 104 -19.08 3.08 9.66
C VAL A 104 -20.24 3.98 10.05
N GLY A 105 -20.13 5.25 9.75
CA GLY A 105 -21.20 6.20 9.95
C GLY A 105 -20.88 7.20 11.05
N ASN A 106 -21.94 7.86 11.52
CA ASN A 106 -21.87 8.92 12.50
C ASN A 106 -21.64 8.35 13.89
N GLY A 107 -21.14 9.22 14.78
CA GLY A 107 -20.94 8.92 16.18
C GLY A 107 -19.53 9.13 16.69
N TRP A 108 -18.57 9.39 15.80
CA TRP A 108 -17.19 9.56 16.22
C TRP A 108 -16.93 10.93 16.82
N PHE A 109 -16.09 10.96 17.83
CA PHE A 109 -15.59 12.21 18.37
C PHE A 109 -14.11 12.08 18.65
N LYS A 110 -13.36 13.13 18.37
CA LYS A 110 -11.92 13.09 18.48
C LYS A 110 -11.51 13.29 19.94
N ILE A 111 -10.59 12.46 20.42
CA ILE A 111 -10.10 12.55 21.78
C ILE A 111 -8.60 12.80 21.91
N GLN A 112 -7.85 12.73 20.81
CA GLN A 112 -6.42 13.02 20.86
C GLN A 112 -5.97 13.39 19.46
N GLN A 113 -4.98 14.29 19.38
CA GLN A 113 -4.25 14.49 18.14
C GLN A 113 -2.88 15.08 18.45
N ASP A 114 -1.94 14.81 17.55
CA ASP A 114 -0.57 15.30 17.65
C ASP A 114 -0.07 15.51 16.22
N GLY A 115 -0.09 16.75 15.77
CA GLY A 115 0.32 17.11 14.43
C GLY A 115 1.80 17.43 14.31
N MET A 116 2.13 18.72 14.22
N MET A 116 2.10 18.72 14.19
CA MET A 116 3.52 19.16 14.25
CA MET A 116 3.46 19.23 14.27
C MET A 116 3.71 20.17 15.37
C MET A 116 3.61 20.03 15.55
N ASP A 117 4.81 20.01 16.12
CA ASP A 117 5.12 20.88 17.25
C ASP A 117 5.97 22.07 16.80
N SER A 118 6.33 22.92 17.76
CA SER A 118 7.07 24.13 17.44
C SER A 118 8.53 23.86 17.12
N SER A 119 9.01 22.63 17.28
CA SER A 119 10.34 22.25 16.83
C SER A 119 10.34 21.58 15.47
N GLY A 120 9.17 21.48 14.81
CA GLY A 120 9.06 20.86 13.51
C GLY A 120 8.97 19.35 13.52
N VAL A 121 8.75 18.74 14.69
CA VAL A 121 8.70 17.28 14.81
C VAL A 121 7.24 16.84 14.81
N TRP A 122 6.94 15.78 14.07
CA TRP A 122 5.59 15.31 13.85
C TRP A 122 5.17 14.27 14.86
N GLY A 123 3.85 14.14 15.03
CA GLY A 123 3.32 13.13 15.93
C GLY A 123 3.76 11.72 15.61
N THR A 124 3.85 11.37 14.30
CA THR A 124 4.28 10.02 13.98
C THR A 124 5.71 9.79 14.41
N GLU A 125 6.54 10.83 14.39
CA GLU A 125 7.94 10.66 14.79
C GLU A 125 8.05 10.35 16.27
N ARG A 126 7.17 10.93 17.11
CA ARG A 126 7.19 10.59 18.53
C ARG A 126 6.79 9.14 18.77
N VAL A 127 5.88 8.61 17.95
CA VAL A 127 5.50 7.21 18.06
C VAL A 127 6.63 6.32 17.55
N ILE A 128 7.18 6.64 16.35
CA ILE A 128 8.27 5.85 15.77
C ILE A 128 9.45 5.73 16.73
N ASN A 129 9.81 6.83 17.38
CA ASN A 129 10.99 6.85 18.25
C ASN A 129 10.65 6.62 19.70
N GLY A 130 9.39 6.34 19.99
CA GLY A 130 8.90 6.06 21.32
C GLY A 130 8.34 4.66 21.46
N LYS A 131 8.98 3.67 20.84
CA LYS A 131 8.61 2.26 20.98
C LYS A 131 7.19 1.96 20.47
N GLY A 132 6.70 2.79 19.54
CA GLY A 132 5.37 2.61 18.97
C GLY A 132 4.24 3.04 19.88
N ARG A 133 4.52 3.75 20.96
CA ARG A 133 3.52 4.03 21.99
C ARG A 133 2.77 5.32 21.62
N HIS A 134 1.45 5.21 21.54
CA HIS A 134 0.56 6.31 21.19
C HIS A 134 -0.46 6.41 22.32
N SER A 135 -0.21 7.31 23.27
CA SER A 135 -0.99 7.40 24.49
C SER A 135 -2.17 8.32 24.30
N ILE A 136 -3.34 7.88 24.78
CA ILE A 136 -4.61 8.52 24.46
C ILE A 136 -5.48 8.57 25.72
N LYS A 137 -5.91 9.78 26.11
N LYS A 137 -5.91 9.78 26.11
CA LYS A 137 -6.75 9.92 27.29
CA LYS A 137 -6.73 9.92 27.32
C LYS A 137 -8.22 9.64 26.99
C LYS A 137 -8.21 9.65 27.01
N ILE A 138 -8.80 8.70 27.72
CA ILE A 138 -10.24 8.46 27.66
C ILE A 138 -10.91 9.50 28.55
N PRO A 139 -11.79 10.35 28.02
CA PRO A 139 -12.36 11.42 28.86
C PRO A 139 -13.13 10.88 30.07
N GLU A 140 -13.04 11.62 31.17
N GLU A 140 -13.05 11.59 31.18
CA GLU A 140 -13.72 11.24 32.41
CA GLU A 140 -13.75 11.13 32.37
C GLU A 140 -15.22 11.45 32.30
C GLU A 140 -15.23 11.46 32.33
N CYS A 141 -15.65 12.39 31.48
CA CYS A 141 -16.99 12.95 31.53
C CYS A 141 -17.94 12.32 30.53
N ILE A 142 -17.47 11.34 29.76
CA ILE A 142 -18.37 10.68 28.80
C ILE A 142 -19.19 9.58 29.48
N ALA A 143 -20.22 9.12 28.78
CA ALA A 143 -21.04 8.04 29.29
C ALA A 143 -20.21 6.75 29.39
N PRO A 144 -20.51 5.90 30.36
CA PRO A 144 -19.83 4.59 30.42
C PRO A 144 -20.38 3.66 29.34
N GLY A 145 -19.65 2.56 29.12
CA GLY A 145 -20.18 1.45 28.35
C GLY A 145 -19.33 1.16 27.12
N GLN A 146 -19.99 0.60 26.12
CA GLN A 146 -19.29 0.03 24.95
C GLN A 146 -18.91 1.15 23.99
N TYR A 147 -17.66 1.13 23.54
CA TYR A 147 -17.13 2.08 22.57
C TYR A 147 -16.20 1.37 21.59
N LEU A 148 -16.09 1.95 20.40
CA LEU A 148 -14.94 1.73 19.53
C LEU A 148 -13.93 2.86 19.72
N LEU A 149 -12.65 2.49 19.72
CA LEU A 149 -11.54 3.43 19.71
C LEU A 149 -10.86 3.30 18.35
N ARG A 150 -10.83 4.39 17.59
CA ARG A 150 -10.16 4.43 16.30
C ARG A 150 -8.87 5.22 16.49
N ALA A 151 -7.73 4.53 16.42
CA ALA A 151 -6.43 5.17 16.50
C ALA A 151 -5.80 5.18 15.12
N GLU A 152 -5.14 6.28 14.79
CA GLU A 152 -4.74 6.57 13.41
C GLU A 152 -3.39 7.28 13.37
N MET A 153 -2.60 6.89 12.36
CA MET A 153 -1.42 7.64 11.95
C MET A 153 -1.62 7.94 10.48
N ILE A 154 -1.38 9.19 10.08
CA ILE A 154 -1.47 9.59 8.67
C ILE A 154 -0.08 9.95 8.19
N ALA A 155 0.42 9.22 7.19
CA ALA A 155 1.71 9.52 6.60
C ALA A 155 1.53 10.45 5.43
N LEU A 156 2.31 11.54 5.43
CA LEU A 156 2.11 12.63 4.48
C LEU A 156 3.28 12.78 3.51
N HIS A 157 4.24 11.87 3.51
CA HIS A 157 5.40 12.03 2.66
C HIS A 157 5.06 11.98 1.17
N ALA A 158 3.94 11.36 0.79
CA ALA A 158 3.50 11.26 -0.59
C ALA A 158 2.16 11.95 -0.81
N ALA A 159 1.87 12.99 0.00
CA ALA A 159 0.56 13.61 0.04
C ALA A 159 0.46 14.93 -0.71
N SER A 160 1.50 15.29 -1.48
N SER A 160 1.49 15.30 -1.48
CA SER A 160 1.48 16.53 -2.22
CA SER A 160 1.45 16.58 -2.18
C SER A 160 0.22 16.65 -3.04
C SER A 160 0.24 16.68 -3.09
N ASN A 161 -0.21 15.55 -3.66
N ASN A 161 -0.22 15.54 -3.61
CA ASN A 161 -1.48 15.46 -4.35
CA ASN A 161 -1.48 15.43 -4.32
C ASN A 161 -2.39 14.46 -3.63
C ASN A 161 -2.42 14.48 -3.58
N TYR A 162 -3.69 14.50 -3.97
CA TYR A 162 -4.67 13.53 -3.44
C TYR A 162 -5.24 12.80 -4.66
N PRO A 163 -5.23 11.46 -4.68
N PRO A 163 -5.24 11.45 -4.66
CA PRO A 163 -4.74 10.55 -3.64
CA PRO A 163 -4.79 10.57 -3.57
C PRO A 163 -3.26 10.74 -3.36
C PRO A 163 -3.30 10.58 -3.37
N GLY A 164 -2.88 10.46 -2.11
CA GLY A 164 -1.50 10.48 -1.76
C GLY A 164 -1.29 10.24 -0.28
N ALA A 165 -2.05 10.96 0.56
CA ALA A 165 -2.02 10.73 2.00
C ALA A 165 -2.33 9.27 2.32
N GLN A 166 -1.65 8.74 3.32
CA GLN A 166 -1.75 7.33 3.65
C GLN A 166 -2.31 7.22 5.07
N PHE A 167 -3.49 6.61 5.18
CA PHE A 167 -4.24 6.54 6.43
C PHE A 167 -4.11 5.16 7.02
N TYR A 168 -3.48 5.05 8.19
CA TYR A 168 -3.31 3.79 8.90
C TYR A 168 -4.16 3.85 10.15
N MET A 169 -5.17 3.01 10.26
CA MET A 169 -6.04 3.02 11.43
C MET A 169 -6.49 1.61 11.77
N GLU A 170 -6.79 1.43 13.06
CA GLU A 170 -7.46 0.23 13.54
C GLU A 170 -8.38 0.63 14.66
N CYS A 171 -9.39 -0.22 14.86
CA CYS A 171 -10.39 0.00 15.90
C CYS A 171 -10.25 -1.01 17.01
N ALA A 172 -10.19 -0.50 18.23
CA ALA A 172 -10.21 -1.32 19.44
C ALA A 172 -11.61 -1.31 20.03
N GLN A 173 -11.91 -2.34 20.80
CA GLN A 173 -13.21 -2.59 21.40
C GLN A 173 -13.10 -2.34 22.89
N LEU A 174 -13.82 -1.33 23.40
CA LEU A 174 -13.69 -0.90 24.78
C LEU A 174 -14.99 -1.00 25.56
N ASN A 175 -14.79 -1.27 26.85
CA ASN A 175 -15.81 -1.16 27.89
C ASN A 175 -15.29 -0.07 28.82
N VAL A 176 -15.86 1.14 28.72
CA VAL A 176 -15.43 2.26 29.54
C VAL A 176 -16.20 2.21 30.86
N VAL A 177 -15.46 2.11 31.96
CA VAL A 177 -16.05 2.01 33.30
C VAL A 177 -15.86 3.36 33.98
N GLY A 178 -16.89 3.82 34.68
CA GLY A 178 -16.75 5.00 35.51
C GLY A 178 -16.96 6.34 34.84
N GLY A 179 -17.32 6.37 33.56
CA GLY A 179 -17.63 7.65 32.94
C GLY A 179 -18.84 8.31 33.59
N THR A 180 -18.79 9.62 33.77
CA THR A 180 -19.86 10.30 34.49
C THR A 180 -21.04 10.65 33.60
N GLY A 181 -20.84 10.62 32.27
CA GLY A 181 -21.89 11.02 31.36
C GLY A 181 -22.29 12.46 31.47
N ALA A 182 -21.46 13.30 32.08
CA ALA A 182 -21.81 14.70 32.26
C ALA A 182 -21.84 15.46 30.94
N LYS A 183 -21.16 14.96 29.91
CA LYS A 183 -21.12 15.68 28.64
C LYS A 183 -21.28 14.69 27.50
N THR A 184 -22.04 15.10 26.49
CA THR A 184 -22.29 14.29 25.30
C THR A 184 -21.61 14.95 24.12
N PRO A 185 -20.55 14.35 23.57
CA PRO A 185 -19.81 15.00 22.48
C PRO A 185 -20.63 15.21 21.22
N SER A 186 -20.34 16.29 20.50
N SER A 186 -20.33 16.28 20.50
CA SER A 186 -20.74 16.38 19.10
CA SER A 186 -20.74 16.37 19.11
C SER A 186 -19.91 15.38 18.29
C SER A 186 -19.90 15.42 18.27
N THR A 187 -20.53 14.85 17.25
CA THR A 187 -19.96 13.74 16.50
C THR A 187 -19.82 14.01 15.00
N VAL A 188 -18.95 13.21 14.38
CA VAL A 188 -18.73 13.20 12.94
C VAL A 188 -18.82 11.76 12.44
N SER A 189 -18.80 11.64 11.11
CA SER A 189 -18.91 10.36 10.45
C SER A 189 -17.59 9.95 9.81
N PHE A 190 -17.36 8.64 9.80
CA PHE A 190 -16.35 8.04 8.93
C PHE A 190 -17.03 6.98 8.06
N PRO A 191 -16.98 7.13 6.74
CA PRO A 191 -16.44 8.25 5.99
C PRO A 191 -17.26 9.51 6.17
N GLY A 192 -16.62 10.65 5.95
CA GLY A 192 -17.31 11.93 5.97
C GLY A 192 -16.46 13.03 6.58
N ALA A 193 -15.74 12.71 7.65
CA ALA A 193 -15.03 13.74 8.38
C ALA A 193 -13.84 14.30 7.61
N TYR A 194 -13.22 13.49 6.77
CA TYR A 194 -12.07 13.91 5.97
C TYR A 194 -12.47 14.04 4.51
N SER A 195 -11.81 14.97 3.83
N SER A 195 -11.80 14.98 3.84
CA SER A 195 -11.95 15.13 2.39
CA SER A 195 -11.93 15.19 2.40
C SER A 195 -10.57 15.29 1.76
C SER A 195 -10.55 15.29 1.76
N GLY A 196 -10.46 14.90 0.50
CA GLY A 196 -9.20 14.99 -0.22
C GLY A 196 -8.65 16.39 -0.35
N SER A 197 -9.49 17.40 -0.19
CA SER A 197 -9.05 18.79 -0.28
C SER A 197 -8.62 19.39 1.05
N ASP A 198 -8.73 18.65 2.15
CA ASP A 198 -8.39 19.24 3.43
C ASP A 198 -6.93 19.68 3.44
N PRO A 199 -6.62 20.75 4.16
CA PRO A 199 -5.24 21.28 4.15
C PRO A 199 -4.23 20.39 4.84
N GLY A 200 -4.69 19.44 5.65
CA GLY A 200 -3.80 18.46 6.24
C GLY A 200 -3.81 17.12 5.53
N VAL A 201 -4.55 17.00 4.42
CA VAL A 201 -4.62 15.79 3.61
C VAL A 201 -3.86 15.95 2.29
N LYS A 202 -4.15 17.02 1.56
N LYS A 202 -4.17 17.01 1.55
CA LYS A 202 -3.43 17.37 0.33
CA LYS A 202 -3.43 17.37 0.34
C LYS A 202 -2.42 18.45 0.72
C LYS A 202 -2.43 18.44 0.76
N ILE A 203 -1.16 18.06 0.86
CA ILE A 203 -0.14 18.94 1.43
C ILE A 203 1.24 18.48 1.03
N SER A 204 2.06 19.40 0.56
N SER A 204 2.07 19.41 0.59
CA SER A 204 3.49 19.16 0.41
CA SER A 204 3.48 19.18 0.43
C SER A 204 4.17 19.46 1.74
C SER A 204 4.18 19.46 1.75
N ILE A 205 4.82 18.45 2.31
CA ILE A 205 5.59 18.67 3.54
C ILE A 205 7.00 19.11 3.17
N TYR A 206 7.28 19.35 1.87
CA TYR A 206 8.61 19.71 1.41
C TYR A 206 8.72 21.14 0.90
N TRP A 207 7.70 21.64 0.23
CA TRP A 207 7.83 22.85 -0.57
C TRP A 207 6.66 23.80 -0.34
N PRO A 208 6.81 24.79 0.56
CA PRO A 208 7.96 25.01 1.42
C PRO A 208 7.96 24.10 2.65
N PRO A 209 9.09 24.05 3.35
CA PRO A 209 9.14 23.29 4.59
C PRO A 209 8.01 23.74 5.52
N VAL A 210 7.36 22.76 6.11
CA VAL A 210 6.11 22.97 6.82
C VAL A 210 6.43 23.42 8.24
N THR A 211 5.75 24.47 8.69
CA THR A 211 5.99 25.08 9.99
C THR A 211 4.77 25.00 10.92
N SER A 212 3.57 24.91 10.36
N SER A 212 3.57 24.87 10.37
CA SER A 212 2.37 24.65 11.11
CA SER A 212 2.35 24.68 11.15
C SER A 212 1.58 23.61 10.33
C SER A 212 1.41 23.80 10.33
N TYR A 213 0.67 22.93 11.01
CA TYR A 213 -0.10 21.88 10.35
C TYR A 213 -1.50 21.80 10.93
N THR A 214 -2.51 21.69 10.06
CA THR A 214 -3.91 21.54 10.47
C THR A 214 -4.33 20.06 10.41
N VAL A 215 -4.49 19.44 11.57
CA VAL A 215 -4.91 18.04 11.60
C VAL A 215 -6.32 17.92 11.04
N PRO A 216 -6.60 16.97 10.15
N PRO A 216 -6.59 16.95 10.16
CA PRO A 216 -7.98 16.87 9.64
CA PRO A 216 -7.96 16.79 9.64
C PRO A 216 -8.95 16.41 10.73
C PRO A 216 -8.94 16.40 10.74
N GLY A 217 -10.23 16.61 10.45
CA GLY A 217 -11.28 16.21 11.37
C GLY A 217 -11.72 17.32 12.31
N PRO A 218 -12.63 16.98 13.23
CA PRO A 218 -13.18 17.97 14.16
C PRO A 218 -12.20 18.31 15.28
N SER A 219 -12.56 19.35 16.04
N SER A 219 -12.54 19.36 16.03
CA SER A 219 -11.77 19.70 17.20
CA SER A 219 -11.72 19.70 17.18
C SER A 219 -11.78 18.57 18.23
C SER A 219 -11.77 18.58 18.21
N VAL A 220 -10.73 18.51 19.04
CA VAL A 220 -10.66 17.52 20.13
C VAL A 220 -11.75 17.81 21.14
N PHE A 221 -12.52 16.79 21.47
CA PHE A 221 -13.52 16.87 22.54
C PHE A 221 -12.82 17.06 23.88
N THR A 222 -13.32 18.00 24.69
CA THR A 222 -12.80 18.26 26.03
C THR A 222 -13.94 18.31 27.05
N CYS A 223 -13.65 17.79 28.23
CA CYS A 223 -14.61 17.84 29.33
C CYS A 223 -14.75 19.24 29.89
N HIS B 1 -3.60 -0.02 -7.04
CA HIS B 1 -3.83 -1.36 -6.44
C HIS B 1 -4.31 -2.32 -7.49
N THR B 2 -3.48 -3.33 -7.79
CA THR B 2 -3.71 -4.23 -8.90
C THR B 2 -2.76 -5.40 -8.74
N ILE B 3 -3.07 -6.51 -9.41
CA ILE B 3 -2.28 -7.74 -9.38
C ILE B 3 -2.27 -8.35 -10.78
N PHE B 4 -1.07 -8.68 -11.25
CA PHE B 4 -0.87 -9.55 -12.41
C PHE B 4 -1.14 -10.95 -11.89
N SER B 5 -2.36 -11.45 -12.10
CA SER B 5 -2.78 -12.64 -11.41
C SER B 5 -2.88 -13.88 -12.29
N SER B 6 -2.73 -13.76 -13.60
CA SER B 6 -2.73 -14.90 -14.51
C SER B 6 -2.06 -14.46 -15.80
N LEU B 7 -1.57 -15.46 -16.54
CA LEU B 7 -0.87 -15.24 -17.79
C LEU B 7 -1.55 -15.99 -18.91
N GLU B 8 -1.74 -15.34 -20.04
CA GLU B 8 -2.23 -15.99 -21.24
C GLU B 8 -1.05 -16.36 -22.12
N VAL B 9 -1.01 -17.61 -22.56
CA VAL B 9 0.05 -18.15 -23.38
C VAL B 9 -0.62 -19.01 -24.45
N ASN B 10 -0.13 -18.90 -25.67
CA ASN B 10 -0.77 -19.59 -26.80
C ASN B 10 -2.26 -19.29 -26.86
N GLY B 11 -2.63 -18.08 -26.46
CA GLY B 11 -4.00 -17.69 -26.54
C GLY B 11 -4.90 -18.27 -25.48
N VAL B 12 -4.35 -18.92 -24.45
CA VAL B 12 -5.11 -19.58 -23.40
C VAL B 12 -4.66 -19.08 -22.02
N ASN B 13 -5.63 -18.66 -21.21
CA ASN B 13 -5.30 -18.25 -19.86
C ASN B 13 -4.84 -19.46 -19.06
N GLN B 14 -3.72 -19.34 -18.36
CA GLN B 14 -3.12 -20.46 -17.66
C GLN B 14 -3.67 -20.67 -16.24
N GLY B 15 -4.55 -19.79 -15.76
CA GLY B 15 -5.25 -19.98 -14.51
C GLY B 15 -4.78 -19.01 -13.43
N LEU B 16 -5.67 -18.74 -12.46
N LEU B 16 -5.64 -18.79 -12.45
CA LEU B 16 -5.39 -17.74 -11.44
CA LEU B 16 -5.41 -17.81 -11.40
C LEU B 16 -4.29 -18.21 -10.49
C LEU B 16 -4.27 -18.27 -10.51
N GLY B 17 -3.18 -17.49 -10.46
CA GLY B 17 -2.06 -17.89 -9.65
C GLY B 17 -1.38 -19.16 -10.09
N GLU B 18 -1.60 -19.57 -11.34
CA GLU B 18 -1.04 -20.80 -11.90
C GLU B 18 0.16 -20.42 -12.75
N GLY B 19 1.36 -20.65 -12.21
CA GLY B 19 2.56 -20.22 -12.84
C GLY B 19 2.88 -18.76 -12.67
N VAL B 20 2.04 -18.03 -11.93
CA VAL B 20 2.29 -16.67 -11.54
C VAL B 20 2.27 -16.64 -10.02
N ARG B 21 3.30 -16.05 -9.44
CA ARG B 21 3.43 -15.99 -7.97
C ARG B 21 2.63 -14.78 -7.49
N VAL B 22 1.45 -15.03 -6.95
CA VAL B 22 0.55 -13.92 -6.65
C VAL B 22 0.58 -13.57 -5.19
N PRO B 23 0.53 -12.29 -4.88
CA PRO B 23 0.43 -11.84 -3.52
C PRO B 23 -0.98 -11.93 -3.08
N THR B 24 -1.09 -11.98 -1.75
CA THR B 24 -2.39 -12.01 -1.14
C THR B 24 -3.11 -10.67 -1.24
N TYR B 25 -2.38 -9.57 -1.19
N TYR B 25 -2.35 -9.57 -1.25
CA TYR B 25 -2.92 -8.22 -1.22
CA TYR B 25 -2.82 -8.19 -1.15
C TYR B 25 -2.45 -7.49 -2.45
C TYR B 25 -2.39 -7.44 -2.40
N ASN B 26 -3.23 -6.51 -2.88
CA ASN B 26 -3.00 -5.76 -4.11
C ASN B 26 -2.19 -4.48 -3.95
N GLY B 27 -1.58 -4.22 -2.80
CA GLY B 27 -0.88 -2.98 -2.58
C GLY B 27 0.51 -2.97 -3.19
N PRO B 28 1.06 -1.78 -3.38
CA PRO B 28 2.34 -1.64 -4.06
C PRO B 28 3.54 -1.85 -3.16
N ILE B 29 4.70 -2.11 -3.78
CA ILE B 29 5.99 -1.90 -3.17
C ILE B 29 6.37 -0.45 -3.44
N GLU B 30 6.96 0.21 -2.46
N GLU B 30 7.00 0.18 -2.46
CA GLU B 30 7.46 1.59 -2.60
CA GLU B 30 7.40 1.57 -2.57
C GLU B 30 8.97 1.72 -2.46
C GLU B 30 8.85 1.83 -2.17
N ASP B 31 9.62 0.78 -1.83
CA ASP B 31 11.05 0.86 -1.53
C ASP B 31 11.81 0.11 -2.62
N VAL B 32 12.44 0.84 -3.54
CA VAL B 32 13.13 0.20 -4.66
C VAL B 32 14.38 -0.52 -4.23
N THR B 33 14.83 -0.33 -2.99
CA THR B 33 16.01 -1.04 -2.50
C THR B 33 15.67 -2.36 -1.85
N SER B 34 14.39 -2.65 -1.67
CA SER B 34 13.96 -3.86 -1.01
C SER B 34 14.09 -5.07 -1.94
N ALA B 35 14.38 -6.23 -1.34
CA ALA B 35 14.32 -7.47 -2.12
C ALA B 35 12.94 -7.66 -2.74
N SER B 36 11.90 -7.08 -2.13
CA SER B 36 10.54 -7.22 -2.66
C SER B 36 10.33 -6.56 -4.01
N ILE B 37 11.23 -5.68 -4.45
CA ILE B 37 11.04 -5.07 -5.75
C ILE B 37 11.18 -6.06 -6.89
N ALA B 38 11.85 -7.20 -6.66
CA ALA B 38 12.07 -8.16 -7.74
C ALA B 38 10.77 -8.85 -8.15
N CYS B 39 10.16 -9.59 -7.21
CA CYS B 39 8.97 -10.39 -7.48
C CYS B 39 7.89 -10.16 -6.43
N ASN B 40 7.82 -8.96 -5.90
CA ASN B 40 6.90 -8.62 -4.81
C ASN B 40 7.39 -9.33 -3.55
N GLY B 41 6.71 -9.13 -2.44
CA GLY B 41 7.15 -9.73 -1.18
C GLY B 41 6.77 -8.86 0.00
N SER B 42 7.46 -9.12 1.10
CA SER B 42 7.23 -8.44 2.38
C SER B 42 7.16 -6.95 2.12
N PRO B 43 6.19 -6.26 2.74
CA PRO B 43 5.29 -6.71 3.82
C PRO B 43 4.04 -7.46 3.34
N ASN B 44 3.93 -7.68 2.03
CA ASN B 44 2.94 -8.58 1.46
C ASN B 44 3.41 -10.01 1.66
N THR B 45 2.59 -10.97 1.24
CA THR B 45 3.03 -12.36 1.16
C THR B 45 2.69 -12.88 -0.22
N VAL B 46 3.62 -13.62 -0.79
CA VAL B 46 3.49 -14.09 -2.16
C VAL B 46 3.44 -15.59 -2.14
N ALA B 47 2.49 -16.16 -2.87
CA ALA B 47 2.31 -17.60 -2.92
C ALA B 47 3.20 -18.23 -3.98
N SER B 48 3.81 -19.36 -3.62
N SER B 48 3.81 -19.35 -3.62
CA SER B 48 4.56 -20.15 -4.59
CA SER B 48 4.52 -20.13 -4.62
C SER B 48 3.61 -21.00 -5.43
C SER B 48 3.52 -20.78 -5.58
N THR B 49 4.06 -21.38 -6.62
CA THR B 49 3.27 -22.15 -7.57
C THR B 49 4.19 -23.16 -8.23
N SER B 50 3.71 -24.37 -8.40
N SER B 50 3.72 -24.38 -8.37
CA SER B 50 4.55 -25.39 -9.00
CA SER B 50 4.53 -25.43 -8.97
C SER B 50 4.51 -25.38 -10.52
C SER B 50 4.60 -25.32 -10.49
N LYS B 51 3.60 -24.64 -11.14
N LYS B 51 3.64 -24.64 -11.10
CA LYS B 51 3.48 -24.67 -12.59
CA LYS B 51 3.51 -24.66 -12.55
C LYS B 51 4.54 -23.82 -13.26
C LYS B 51 4.59 -23.83 -13.22
N VAL B 52 5.22 -24.42 -14.24
CA VAL B 52 6.16 -23.72 -15.11
C VAL B 52 5.53 -23.79 -16.50
N ILE B 53 5.28 -22.63 -17.11
CA ILE B 53 4.48 -22.55 -18.33
C ILE B 53 5.39 -22.58 -19.54
N THR B 54 5.18 -23.56 -20.42
CA THR B 54 5.92 -23.61 -21.67
C THR B 54 5.45 -22.51 -22.60
N VAL B 55 6.41 -21.83 -23.23
N VAL B 55 6.41 -21.84 -23.22
CA VAL B 55 6.11 -20.77 -24.20
CA VAL B 55 6.16 -20.77 -24.19
C VAL B 55 7.10 -20.88 -25.35
C VAL B 55 7.09 -20.98 -25.36
N GLN B 56 6.61 -20.70 -26.57
CA GLN B 56 7.47 -20.74 -27.75
C GLN B 56 8.19 -19.39 -27.87
N ALA B 57 9.50 -19.42 -28.01
CA ALA B 57 10.25 -18.18 -28.19
C ALA B 57 9.76 -17.45 -29.44
N GLY B 58 9.67 -16.13 -29.36
CA GLY B 58 9.16 -15.29 -30.41
C GLY B 58 7.69 -14.98 -30.33
N THR B 59 6.94 -15.75 -29.53
CA THR B 59 5.51 -15.50 -29.39
C THR B 59 5.27 -14.53 -28.24
N ASN B 60 4.04 -14.03 -28.17
CA ASN B 60 3.64 -13.14 -27.09
C ASN B 60 2.95 -13.93 -25.98
N VAL B 61 3.16 -13.46 -24.77
CA VAL B 61 2.35 -13.83 -23.63
C VAL B 61 1.64 -12.56 -23.20
N THR B 62 0.53 -12.73 -22.49
CA THR B 62 -0.23 -11.57 -22.05
C THR B 62 -0.48 -11.66 -20.55
N ALA B 63 0.11 -10.72 -19.82
CA ALA B 63 -0.18 -10.59 -18.39
C ALA B 63 -1.59 -10.03 -18.24
N ILE B 64 -2.39 -10.63 -17.36
CA ILE B 64 -3.76 -10.21 -17.15
C ILE B 64 -3.88 -9.58 -15.77
N TRP B 65 -4.02 -8.27 -15.74
CA TRP B 65 -4.06 -7.48 -14.51
C TRP B 65 -5.49 -7.34 -14.03
N ARG B 66 -5.66 -7.48 -12.71
CA ARG B 66 -6.96 -7.38 -12.05
C ARG B 66 -6.80 -6.65 -10.72
N TYR B 67 -7.87 -6.03 -10.28
CA TYR B 67 -7.83 -5.27 -9.04
C TYR B 67 -7.43 -6.18 -7.87
N MET B 68 -8.13 -7.31 -7.71
N MET B 68 -8.00 -7.37 -7.78
CA MET B 68 -7.90 -8.25 -6.61
CA MET B 68 -7.54 -8.35 -6.80
C MET B 68 -7.89 -9.66 -7.19
C MET B 68 -7.86 -9.74 -7.31
N LEU B 69 -7.40 -10.61 -6.38
N LEU B 69 -7.42 -10.76 -6.56
CA LEU B 69 -7.38 -11.99 -6.84
CA LEU B 69 -7.54 -12.13 -7.04
C LEU B 69 -8.78 -12.47 -7.24
C LEU B 69 -8.99 -12.51 -7.26
N SER B 70 -9.78 -12.06 -6.50
N SER B 70 -9.88 -12.05 -6.39
CA SER B 70 -11.14 -12.58 -6.65
CA SER B 70 -11.28 -12.44 -6.48
C SER B 70 -12.00 -11.74 -7.61
C SER B 70 -12.03 -11.73 -7.60
N THR B 71 -11.43 -10.74 -8.26
CA THR B 71 -12.15 -9.93 -9.25
C THR B 71 -12.67 -10.82 -10.38
N THR B 72 -13.91 -10.60 -10.82
N THR B 72 -13.96 -10.63 -10.70
CA THR B 72 -14.47 -11.45 -11.88
CA THR B 72 -14.64 -11.30 -11.81
C THR B 72 -14.69 -10.74 -13.22
C THR B 72 -15.26 -10.23 -12.70
N GLY B 73 -14.42 -9.45 -13.33
CA GLY B 73 -14.78 -8.66 -14.49
C GLY B 73 -13.51 -8.08 -15.08
N ASP B 74 -13.67 -7.30 -16.14
CA ASP B 74 -12.52 -6.72 -16.83
C ASP B 74 -12.73 -5.28 -17.23
N SER B 75 -13.69 -4.60 -16.59
N SER B 75 -13.68 -4.59 -16.60
CA SER B 75 -13.87 -3.18 -16.82
CA SER B 75 -13.86 -3.17 -16.85
C SER B 75 -12.70 -2.41 -16.22
C SER B 75 -12.72 -2.39 -16.19
N PRO B 76 -12.56 -1.11 -16.53
CA PRO B 76 -11.43 -0.34 -15.95
C PRO B 76 -11.26 -0.49 -14.45
N ALA B 77 -12.34 -0.35 -13.67
CA ALA B 77 -12.23 -0.45 -12.21
C ALA B 77 -11.86 -1.84 -11.74
N ASP B 78 -12.13 -2.87 -12.56
CA ASP B 78 -11.71 -4.24 -12.29
C ASP B 78 -10.24 -4.48 -12.57
N VAL B 79 -9.54 -3.49 -13.12
CA VAL B 79 -8.12 -3.60 -13.41
C VAL B 79 -7.30 -2.77 -12.45
N MET B 80 -7.48 -1.44 -12.47
CA MET B 80 -6.74 -0.53 -11.61
C MET B 80 -7.42 0.82 -11.67
N ASP B 81 -7.35 1.57 -10.57
N ASP B 81 -7.34 1.56 -10.55
CA ASP B 81 -7.98 2.86 -10.50
CA ASP B 81 -7.88 2.91 -10.45
C ASP B 81 -7.35 3.81 -11.52
C ASP B 81 -7.33 3.79 -11.56
N SER B 82 -8.21 4.65 -12.09
CA SER B 82 -7.81 5.58 -13.15
C SER B 82 -6.75 6.57 -12.70
N SER B 83 -6.63 6.84 -11.40
CA SER B 83 -5.61 7.76 -10.93
C SER B 83 -4.21 7.23 -11.20
N HIS B 84 -4.06 5.91 -11.29
CA HIS B 84 -2.77 5.25 -11.33
C HIS B 84 -2.21 5.31 -12.74
N LYS B 85 -1.50 6.37 -13.05
N LYS B 85 -1.53 6.39 -13.07
CA LYS B 85 -0.93 6.58 -14.37
CA LYS B 85 -0.94 6.60 -14.38
C LYS B 85 0.56 6.35 -14.32
C LYS B 85 0.55 6.34 -14.31
N GLY B 86 1.08 5.64 -15.34
CA GLY B 86 2.48 5.35 -15.40
C GLY B 86 2.79 4.33 -16.46
N PRO B 87 4.01 3.79 -16.44
CA PRO B 87 4.44 2.82 -17.46
C PRO B 87 4.01 1.40 -17.11
N THR B 88 4.01 0.58 -18.16
CA THR B 88 4.02 -0.87 -18.02
C THR B 88 5.36 -1.38 -18.54
N ILE B 89 5.87 -2.45 -17.94
CA ILE B 89 7.23 -2.89 -18.17
C ILE B 89 7.26 -4.40 -17.97
N ALA B 90 8.17 -5.08 -18.67
CA ALA B 90 8.37 -6.50 -18.43
C ALA B 90 9.82 -6.88 -18.64
N TYR B 91 10.26 -7.84 -17.84
CA TYR B 91 11.63 -8.33 -17.80
C TYR B 91 11.64 -9.85 -17.77
N LEU B 92 12.75 -10.43 -18.23
CA LEU B 92 13.04 -11.85 -18.05
C LEU B 92 14.33 -12.01 -17.24
N LYS B 93 14.45 -13.16 -16.56
N LYS B 93 14.44 -13.16 -16.56
CA LYS B 93 15.64 -13.56 -15.82
CA LYS B 93 15.66 -13.55 -15.87
C LYS B 93 15.85 -15.05 -16.03
C LYS B 93 15.85 -15.05 -16.03
N LYS B 94 17.00 -15.45 -16.56
CA LYS B 94 17.30 -16.86 -16.73
C LYS B 94 17.59 -17.49 -15.36
N VAL B 95 16.92 -18.59 -15.03
CA VAL B 95 17.09 -19.26 -13.74
C VAL B 95 17.18 -20.75 -13.96
N ASP B 96 17.74 -21.45 -12.96
N ASP B 96 17.75 -21.44 -12.95
CA ASP B 96 17.89 -22.89 -13.09
CA ASP B 96 17.91 -22.89 -13.01
C ASP B 96 16.57 -23.62 -12.86
C ASP B 96 16.58 -23.61 -12.84
N ASN B 97 15.73 -23.13 -11.94
CA ASN B 97 14.51 -23.82 -11.53
C ASN B 97 13.46 -22.74 -11.27
N ALA B 98 12.63 -22.47 -12.28
CA ALA B 98 11.69 -21.38 -12.19
C ALA B 98 10.66 -21.56 -11.08
N ALA B 99 10.38 -22.79 -10.63
CA ALA B 99 9.42 -22.99 -9.55
C ALA B 99 9.94 -22.58 -8.20
N THR B 100 11.25 -22.36 -8.05
CA THR B 100 11.80 -22.02 -6.75
C THR B 100 12.75 -20.85 -6.74
N ALA B 101 13.32 -20.42 -7.88
CA ALA B 101 14.30 -19.34 -7.87
C ALA B 101 13.71 -18.07 -7.26
N SER B 102 14.47 -17.25 -6.49
N SER B 102 14.37 -17.60 -6.22
CA SER B 102 13.77 -16.12 -5.79
CA SER B 102 14.41 -16.20 -5.96
C SER B 102 13.46 -14.88 -6.65
C SER B 102 14.96 -15.51 -7.20
N GLY B 103 14.18 -14.60 -7.68
CA GLY B 103 14.35 -13.56 -8.64
C GLY B 103 15.14 -12.36 -8.10
N VAL B 104 15.66 -12.41 -6.88
CA VAL B 104 16.43 -11.30 -6.35
C VAL B 104 17.84 -11.36 -6.93
N GLY B 105 18.37 -10.21 -7.31
CA GLY B 105 19.73 -10.11 -7.79
C GLY B 105 19.83 -9.84 -9.27
N ASN B 106 21.01 -10.12 -9.81
CA ASN B 106 21.35 -9.84 -11.19
C ASN B 106 20.73 -10.89 -12.11
N GLY B 107 20.58 -10.51 -13.37
CA GLY B 107 20.16 -11.40 -14.44
C GLY B 107 18.95 -10.91 -15.22
N TRP B 108 18.31 -9.84 -14.75
CA TRP B 108 17.13 -9.31 -15.43
C TRP B 108 17.49 -8.55 -16.69
N PHE B 109 16.66 -8.69 -17.70
CA PHE B 109 16.76 -7.89 -18.91
C PHE B 109 15.36 -7.49 -19.33
N LYS B 110 15.23 -6.26 -19.80
CA LYS B 110 13.94 -5.69 -20.13
C LYS B 110 13.52 -6.12 -21.51
N ILE B 111 12.30 -6.62 -21.65
CA ILE B 111 11.79 -7.09 -22.93
C ILE B 111 10.58 -6.32 -23.44
N GLN B 112 9.99 -5.44 -22.63
CA GLN B 112 8.86 -4.60 -23.05
C GLN B 112 8.79 -3.40 -22.15
N GLN B 113 8.34 -2.27 -22.72
CA GLN B 113 7.94 -1.15 -21.90
C GLN B 113 6.98 -0.31 -22.71
N ASP B 114 6.17 0.46 -21.98
CA ASP B 114 5.20 1.38 -22.57
C ASP B 114 5.01 2.49 -21.57
N GLY B 115 5.67 3.62 -21.81
CA GLY B 115 5.65 4.75 -20.90
C GLY B 115 4.58 5.74 -21.23
N MET B 116 4.95 6.85 -21.85
CA MET B 116 3.99 7.81 -22.37
C MET B 116 4.21 7.93 -23.86
N ASP B 117 3.13 7.82 -24.63
CA ASP B 117 3.22 7.92 -26.08
C ASP B 117 3.22 9.37 -26.53
N SER B 118 3.29 9.57 -27.85
N SER B 118 3.31 9.59 -27.84
CA SER B 118 3.36 10.91 -28.42
CA SER B 118 3.37 10.94 -28.36
C SER B 118 2.03 11.66 -28.31
C SER B 118 2.08 11.72 -28.09
N SER B 119 0.98 11.01 -27.86
CA SER B 119 -0.31 11.65 -27.59
C SER B 119 -0.53 11.91 -26.10
N GLY B 120 0.47 11.65 -25.25
CA GLY B 120 0.31 11.87 -23.84
C GLY B 120 -0.43 10.78 -23.09
N VAL B 121 -0.61 9.61 -23.69
CA VAL B 121 -1.36 8.52 -23.08
C VAL B 121 -0.35 7.55 -22.48
N TRP B 122 -0.63 7.08 -21.24
CA TRP B 122 0.27 6.26 -20.46
C TRP B 122 0.03 4.77 -20.74
N GLY B 123 1.09 3.98 -20.58
CA GLY B 123 0.96 2.55 -20.75
C GLY B 123 -0.09 1.92 -19.83
N THR B 124 -0.21 2.41 -18.59
CA THR B 124 -1.22 1.85 -17.70
C THR B 124 -2.61 2.09 -18.25
N GLU B 125 -2.83 3.19 -18.97
N GLU B 125 -2.83 3.17 -18.98
CA GLU B 125 -4.15 3.44 -19.54
CA GLU B 125 -4.16 3.44 -19.50
C GLU B 125 -4.53 2.40 -20.56
C GLU B 125 -4.54 2.46 -20.61
N ARG B 126 -3.55 1.96 -21.36
CA ARG B 126 -3.83 0.92 -22.34
C ARG B 126 -4.20 -0.39 -21.68
N VAL B 127 -3.62 -0.69 -20.51
CA VAL B 127 -4.00 -1.91 -19.77
C VAL B 127 -5.37 -1.73 -19.11
N ILE B 128 -5.58 -0.64 -18.38
CA ILE B 128 -6.84 -0.38 -17.69
C ILE B 128 -8.03 -0.44 -18.65
N ASN B 129 -7.88 0.16 -19.83
CA ASN B 129 -8.95 0.26 -20.81
C ASN B 129 -8.93 -0.88 -21.82
N GLY B 130 -7.97 -1.79 -21.69
CA GLY B 130 -7.81 -2.93 -22.56
C GLY B 130 -8.01 -4.24 -21.83
N LYS B 131 -8.99 -4.23 -20.91
CA LYS B 131 -9.40 -5.44 -20.21
C LYS B 131 -8.26 -6.09 -19.43
N GLY B 132 -7.34 -5.26 -18.97
CA GLY B 132 -6.24 -5.74 -18.15
C GLY B 132 -5.13 -6.40 -18.92
N ARG B 133 -5.17 -6.34 -20.26
CA ARG B 133 -4.22 -7.11 -21.07
C ARG B 133 -2.91 -6.34 -21.26
N HIS B 134 -1.80 -6.97 -20.91
CA HIS B 134 -0.46 -6.41 -21.05
C HIS B 134 0.35 -7.41 -21.87
N SER B 135 0.43 -7.19 -23.18
CA SER B 135 1.03 -8.15 -24.08
C SER B 135 2.55 -7.93 -24.17
N ILE B 136 3.28 -9.03 -24.19
CA ILE B 136 4.72 -9.01 -24.03
C ILE B 136 5.34 -10.04 -24.97
N LYS B 137 6.24 -9.60 -25.84
N LYS B 137 6.24 -9.59 -25.85
CA LYS B 137 6.88 -10.52 -26.77
CA LYS B 137 6.89 -10.52 -26.77
C LYS B 137 8.08 -11.20 -26.12
C LYS B 137 8.09 -11.20 -26.12
N ILE B 138 8.08 -12.53 -26.13
CA ILE B 138 9.25 -13.28 -25.69
C ILE B 138 10.26 -13.29 -26.84
N PRO B 139 11.48 -12.78 -26.68
CA PRO B 139 12.41 -12.74 -27.81
C PRO B 139 12.70 -14.12 -28.38
N GLU B 140 12.87 -14.16 -29.70
N GLU B 140 12.86 -14.17 -29.70
CA GLU B 140 13.21 -15.43 -30.36
CA GLU B 140 13.19 -15.45 -30.34
C GLU B 140 14.65 -15.82 -30.11
C GLU B 140 14.66 -15.80 -30.20
N CYS B 141 15.53 -14.84 -29.90
CA CYS B 141 16.97 -15.03 -29.98
C CYS B 141 17.64 -15.37 -28.66
N ILE B 142 16.90 -15.47 -27.56
CA ILE B 142 17.48 -15.76 -26.27
C ILE B 142 17.70 -17.26 -26.12
N ALA B 143 18.50 -17.62 -25.13
CA ALA B 143 18.72 -19.02 -24.80
C ALA B 143 17.41 -19.68 -24.38
N PRO B 144 17.21 -20.93 -24.72
CA PRO B 144 16.03 -21.66 -24.23
C PRO B 144 16.16 -21.98 -22.75
N GLY B 145 15.04 -22.37 -22.16
CA GLY B 145 15.02 -22.93 -20.83
C GLY B 145 14.22 -22.12 -19.84
N GLN B 146 14.52 -22.30 -18.56
N GLN B 146 14.55 -22.30 -18.56
CA GLN B 146 13.66 -21.76 -17.53
CA GLN B 146 13.77 -21.75 -17.45
C GLN B 146 14.01 -20.30 -17.22
C GLN B 146 14.04 -20.26 -17.28
N TYR B 147 12.95 -19.49 -17.10
CA TYR B 147 13.06 -18.05 -16.85
C TYR B 147 11.95 -17.63 -15.88
N LEU B 148 12.22 -16.55 -15.16
CA LEU B 148 11.16 -15.75 -14.55
C LEU B 148 10.82 -14.59 -15.47
N LEU B 149 9.52 -14.27 -15.53
CA LEU B 149 8.98 -13.12 -16.22
C LEU B 149 8.40 -12.17 -15.18
N ARG B 150 8.99 -10.97 -15.08
CA ARG B 150 8.53 -9.95 -14.14
C ARG B 150 7.75 -8.92 -14.93
N ALA B 151 6.45 -8.84 -14.69
CA ALA B 151 5.60 -7.85 -15.33
C ALA B 151 5.22 -6.82 -14.29
N GLU B 152 5.21 -5.55 -14.69
CA GLU B 152 5.12 -4.45 -13.76
C GLU B 152 4.26 -3.34 -14.33
N MET B 153 3.51 -2.69 -13.43
CA MET B 153 2.91 -1.38 -13.68
C MET B 153 3.36 -0.46 -12.57
N ILE B 154 3.77 0.76 -12.91
CA ILE B 154 4.19 1.74 -11.91
C ILE B 154 3.17 2.87 -11.94
N ALA B 155 2.55 3.15 -10.80
CA ALA B 155 1.65 4.28 -10.68
C ALA B 155 2.38 5.48 -10.11
N LEU B 156 2.24 6.62 -10.78
CA LEU B 156 3.04 7.82 -10.51
C LEU B 156 2.22 8.98 -9.98
N HIS B 157 0.95 8.77 -9.68
CA HIS B 157 0.13 9.89 -9.22
C HIS B 157 0.56 10.46 -7.89
N ALA B 158 1.34 9.73 -7.09
CA ALA B 158 1.80 10.19 -5.79
C ALA B 158 3.33 10.19 -5.73
N ALA B 159 3.99 10.39 -6.87
CA ALA B 159 5.42 10.19 -7.00
C ALA B 159 6.25 11.48 -7.01
N SER B 160 5.65 12.61 -6.63
N SER B 160 5.66 12.61 -6.63
CA SER B 160 6.40 13.87 -6.68
CA SER B 160 6.42 13.86 -6.72
C SER B 160 7.67 13.78 -5.85
C SER B 160 7.63 13.84 -5.80
N ASN B 161 7.58 13.14 -4.69
N ASN B 161 7.54 13.09 -4.71
CA ASN B 161 8.75 12.86 -3.88
CA ASN B 161 8.68 12.82 -3.84
C ASN B 161 8.93 11.35 -3.78
C ASN B 161 8.93 11.32 -3.82
N TYR B 162 10.11 10.93 -3.37
CA TYR B 162 10.41 9.52 -3.14
C TYR B 162 10.69 9.33 -1.66
N PRO B 163 10.05 8.34 -1.01
CA PRO B 163 9.13 7.35 -1.60
C PRO B 163 7.80 7.97 -2.00
N GLY B 164 7.22 7.39 -3.04
CA GLY B 164 5.93 7.81 -3.52
C GLY B 164 5.44 7.04 -4.73
N ALA B 165 6.34 6.79 -5.69
CA ALA B 165 6.01 5.89 -6.80
C ALA B 165 5.55 4.55 -6.24
N GLN B 166 4.60 3.93 -6.93
CA GLN B 166 3.97 2.69 -6.47
C GLN B 166 4.24 1.62 -7.50
N PHE B 167 5.00 0.60 -7.11
CA PHE B 167 5.44 -0.46 -8.01
C PHE B 167 4.59 -1.70 -7.78
N TYR B 168 3.90 -2.17 -8.84
CA TYR B 168 3.07 -3.36 -8.79
C TYR B 168 3.71 -4.37 -9.73
N MET B 169 4.16 -5.50 -9.21
CA MET B 169 4.85 -6.48 -10.03
C MET B 169 4.51 -7.88 -9.54
N GLU B 170 4.57 -8.82 -10.47
CA GLU B 170 4.53 -10.23 -10.13
C GLU B 170 5.42 -10.96 -11.12
N CYS B 171 5.88 -12.14 -10.68
CA CYS B 171 6.75 -13.00 -11.48
C CYS B 171 6.04 -14.27 -11.88
N ALA B 172 6.12 -14.55 -13.17
CA ALA B 172 5.64 -15.79 -13.76
C ALA B 172 6.82 -16.72 -14.06
N GLN B 173 6.50 -17.99 -14.21
CA GLN B 173 7.49 -19.05 -14.31
C GLN B 173 7.36 -19.67 -15.69
N LEU B 174 8.42 -19.57 -16.51
CA LEU B 174 8.37 -19.97 -17.91
C LEU B 174 9.44 -20.98 -18.26
N ASN B 175 9.09 -21.81 -19.24
CA ASN B 175 10.04 -22.68 -19.94
C ASN B 175 10.01 -22.25 -21.40
N VAL B 176 11.03 -21.51 -21.83
CA VAL B 176 11.09 -20.99 -23.19
C VAL B 176 11.66 -22.05 -24.12
N VAL B 177 10.85 -22.45 -25.09
CA VAL B 177 11.21 -23.46 -26.07
C VAL B 177 11.50 -22.78 -27.39
N GLY B 178 12.57 -23.22 -28.06
CA GLY B 178 12.87 -22.71 -29.38
C GLY B 178 13.73 -21.48 -29.41
N GLY B 179 14.15 -20.95 -28.27
CA GLY B 179 15.06 -19.83 -28.28
C GLY B 179 16.39 -20.25 -28.89
N THR B 180 16.93 -19.38 -29.76
CA THR B 180 18.08 -19.77 -30.55
C THR B 180 19.40 -19.54 -29.83
N GLY B 181 19.42 -18.73 -28.77
CA GLY B 181 20.65 -18.40 -28.14
C GLY B 181 21.57 -17.53 -28.96
N ALA B 182 21.05 -16.93 -30.03
CA ALA B 182 21.90 -16.10 -30.90
C ALA B 182 22.35 -14.83 -30.23
N LYS B 183 21.70 -14.40 -29.14
CA LYS B 183 22.07 -13.14 -28.50
C LYS B 183 21.95 -13.27 -26.98
N THR B 184 22.98 -12.76 -26.31
CA THR B 184 23.08 -12.79 -24.85
C THR B 184 22.79 -11.42 -24.30
N PRO B 185 21.67 -11.22 -23.59
CA PRO B 185 21.38 -9.89 -23.05
C PRO B 185 22.37 -9.45 -21.99
N SER B 186 22.64 -8.15 -21.95
N SER B 186 22.65 -8.14 -21.98
CA SER B 186 23.21 -7.56 -20.76
CA SER B 186 23.20 -7.50 -20.80
C SER B 186 22.12 -7.43 -19.73
C SER B 186 22.11 -7.43 -19.73
N THR B 187 22.49 -7.58 -18.47
CA THR B 187 21.52 -7.70 -17.39
C THR B 187 21.72 -6.68 -16.29
N VAL B 188 20.65 -6.51 -15.51
CA VAL B 188 20.59 -5.63 -14.36
C VAL B 188 20.04 -6.42 -13.17
N SER B 189 20.10 -5.79 -12.00
CA SER B 189 19.67 -6.41 -10.76
C SER B 189 18.41 -5.77 -10.23
N PHE B 190 17.58 -6.58 -9.56
CA PHE B 190 16.49 -6.09 -8.72
C PHE B 190 16.67 -6.70 -7.33
N PRO B 191 16.87 -5.86 -6.30
CA PRO B 191 17.00 -4.41 -6.37
C PRO B 191 18.31 -3.97 -7.01
N GLY B 192 18.31 -2.77 -7.54
CA GLY B 192 19.48 -2.10 -8.06
C GLY B 192 19.18 -1.28 -9.29
N ALA B 193 18.31 -1.78 -10.16
CA ALA B 193 18.09 -1.14 -11.45
C ALA B 193 17.35 0.18 -11.32
N TYR B 194 16.51 0.29 -10.31
CA TYR B 194 15.76 1.51 -10.06
C TYR B 194 16.35 2.22 -8.85
N SER B 195 16.35 3.55 -8.92
N SER B 195 16.34 3.55 -8.91
CA SER B 195 16.74 4.43 -7.83
CA SER B 195 16.73 4.38 -7.77
C SER B 195 15.63 5.41 -7.54
C SER B 195 15.66 5.43 -7.54
N GLY B 196 15.53 5.82 -6.28
CA GLY B 196 14.54 6.80 -5.88
C GLY B 196 14.74 8.16 -6.52
N SER B 197 15.91 8.42 -7.08
CA SER B 197 16.21 9.65 -7.79
C SER B 197 15.97 9.56 -9.29
N ASP B 198 15.63 8.40 -9.81
CA ASP B 198 15.45 8.28 -11.25
C ASP B 198 14.39 9.25 -11.77
N PRO B 199 14.56 9.76 -13.00
N PRO B 199 14.58 9.82 -12.97
CA PRO B 199 13.60 10.73 -13.55
CA PRO B 199 13.56 10.76 -13.52
C PRO B 199 12.21 10.16 -13.82
C PRO B 199 12.19 10.17 -13.74
N GLY B 200 12.07 8.86 -13.86
CA GLY B 200 10.80 8.20 -13.99
C GLY B 200 10.23 7.69 -12.70
N VAL B 201 10.93 7.91 -11.59
CA VAL B 201 10.52 7.46 -10.26
C VAL B 201 10.10 8.64 -9.38
N LYS B 202 10.97 9.65 -9.26
N LYS B 202 10.97 9.64 -9.27
CA LYS B 202 10.63 10.91 -8.61
CA LYS B 202 10.62 10.91 -8.61
C LYS B 202 10.16 11.86 -9.71
C LYS B 202 10.16 11.86 -9.70
N ILE B 203 8.87 12.14 -9.75
CA ILE B 203 8.29 12.84 -10.88
C ILE B 203 6.93 13.38 -10.45
N SER B 204 6.70 14.66 -10.70
N SER B 204 6.61 14.60 -10.86
CA SER B 204 5.37 15.22 -10.67
CA SER B 204 5.33 15.27 -10.60
C SER B 204 4.76 15.02 -12.04
C SER B 204 4.52 15.31 -11.89
N ILE B 205 3.64 14.32 -12.10
CA ILE B 205 2.96 14.18 -13.39
C ILE B 205 1.97 15.29 -13.65
N TYR B 206 1.68 16.15 -12.69
CA TYR B 206 0.70 17.21 -12.89
C TYR B 206 1.25 18.62 -12.79
N TRP B 207 2.47 18.82 -12.30
CA TRP B 207 2.94 20.21 -12.06
C TRP B 207 4.43 20.43 -12.42
N PRO B 208 4.71 20.70 -13.70
CA PRO B 208 3.77 20.82 -14.78
C PRO B 208 3.43 19.44 -15.33
N PRO B 209 2.37 19.36 -16.12
CA PRO B 209 2.08 18.09 -16.80
C PRO B 209 3.27 17.69 -17.65
N VAL B 210 3.62 16.43 -17.63
CA VAL B 210 4.73 15.98 -18.47
C VAL B 210 4.22 15.58 -19.84
N THR B 211 5.07 15.76 -20.84
CA THR B 211 4.80 15.31 -22.20
C THR B 211 5.80 14.27 -22.67
N SER B 212 6.79 13.95 -21.86
N SER B 212 6.84 14.01 -21.90
CA SER B 212 7.75 12.91 -22.16
CA SER B 212 7.77 12.93 -22.12
C SER B 212 8.12 12.27 -20.83
C SER B 212 7.88 12.19 -20.81
N TYR B 213 8.36 10.96 -20.87
CA TYR B 213 8.60 10.17 -19.67
C TYR B 213 9.73 9.20 -19.94
N THR B 214 10.69 9.12 -19.03
CA THR B 214 11.79 8.17 -19.11
C THR B 214 11.46 6.96 -18.24
N VAL B 215 11.18 5.85 -18.88
CA VAL B 215 10.88 4.63 -18.13
C VAL B 215 12.14 4.23 -17.35
N PRO B 216 12.01 3.87 -16.06
N PRO B 216 12.04 3.88 -16.06
CA PRO B 216 13.17 3.41 -15.30
CA PRO B 216 13.24 3.46 -15.34
C PRO B 216 13.74 2.11 -15.86
C PRO B 216 13.75 2.12 -15.86
N GLY B 217 14.99 1.85 -15.51
CA GLY B 217 15.65 0.63 -15.90
C GLY B 217 16.37 0.72 -17.21
N PRO B 218 16.91 -0.41 -17.67
CA PRO B 218 17.74 -0.43 -18.88
C PRO B 218 16.91 -0.33 -20.14
N SER B 219 17.61 -0.15 -21.26
N SER B 219 17.60 -0.15 -21.26
CA SER B 219 16.92 -0.18 -22.55
CA SER B 219 16.91 -0.16 -22.54
C SER B 219 16.32 -1.55 -22.83
C SER B 219 16.31 -1.54 -22.82
N VAL B 220 15.28 -1.55 -23.66
CA VAL B 220 14.62 -2.79 -24.06
C VAL B 220 15.58 -3.61 -24.91
N PHE B 221 15.72 -4.88 -24.56
CA PHE B 221 16.52 -5.82 -25.33
C PHE B 221 15.80 -6.13 -26.63
N THR B 222 16.56 -6.15 -27.72
CA THR B 222 16.03 -6.51 -29.03
C THR B 222 16.97 -7.51 -29.69
N CYS B 223 16.39 -8.38 -30.50
CA CYS B 223 17.17 -9.37 -31.23
C CYS B 223 17.88 -8.75 -32.41
C1 NAG C . -2.64 10.52 28.03
C2 NAG C . -1.18 10.83 28.34
C3 NAG C . -0.92 12.31 28.16
C4 NAG C . -1.37 12.79 26.78
C5 NAG C . -2.80 12.35 26.48
C6 NAG C . -3.23 12.60 25.07
C7 NAG C . -0.12 9.33 30.00
C8 NAG C . 0.12 9.09 31.46
N2 NAG C . -0.84 10.42 29.69
O3 NAG C . 0.47 12.58 28.35
O4 NAG C . -1.33 14.21 26.77
O5 NAG C . -2.95 10.94 26.70
O6 NAG C . -4.61 12.27 24.92
O7 NAG C . 0.31 8.58 29.14
H1 NAG C . -3.22 11.00 28.67
H2 NAG C . -0.62 10.34 27.71
H3 NAG C . -1.42 12.81 28.83
H4 NAG C . -0.76 12.43 26.08
H5 NAG C . -3.40 12.83 27.08
H61 NAG C . -3.10 13.54 24.85
H62 NAG C . -2.71 12.06 24.46
H81 NAG C . 0.65 8.28 31.57
H82 NAG C . 0.60 9.85 31.85
H83 NAG C . -0.73 8.98 31.92
HN2 NAG C . -1.13 10.94 30.38
HO3 NAG C . 0.60 12.90 29.16
HO6 NAG C . -4.89 12.49 24.10
C1 NAG C . -0.33 14.73 25.90
C2 NAG C . -0.51 16.23 25.87
C3 NAG C . 0.59 16.88 25.04
C4 NAG C . 1.96 16.38 25.48
C5 NAG C . 1.98 14.86 25.54
C6 NAG C . 3.26 14.29 26.08
C7 NAG C . -2.83 17.03 26.11
C8 NAG C . -4.10 17.35 25.40
N2 NAG C . -1.83 16.60 25.35
O3 NAG C . 0.50 18.29 25.20
O4 NAG C . 2.93 16.81 24.53
O5 NAG C . 0.93 14.41 26.41
O6 NAG C . 3.57 14.82 27.37
O7 NAG C . -2.71 17.16 27.33
H1 NAG C . -0.44 14.36 24.99
H2 NAG C . -0.44 16.57 26.79
H3 NAG C . 0.45 16.65 24.10
H4 NAG C . 2.17 16.75 26.36
H5 NAG C . 1.83 14.51 24.64
H61 NAG C . 3.18 13.32 26.16
H62 NAG C . 4.00 14.50 25.47
H81 NAG C . -3.93 18.06 24.74
H82 NAG C . -4.44 16.56 24.94
H83 NAG C . -4.76 17.66 26.04
HN2 NAG C . -1.96 16.52 24.45
HO3 NAG C . 0.65 18.68 24.41
HO4 NAG C . 2.84 16.34 23.78
HO6 NAG C . 4.11 14.27 27.80
C1 NAG D . 3.37 -8.52 -28.44
C2 NAG D . 2.22 -7.73 -28.98
C3 NAG D . 2.76 -6.55 -29.74
C4 NAG D . 3.60 -5.71 -28.78
C5 NAG D . 4.65 -6.57 -28.06
C6 NAG D . 5.34 -5.87 -26.90
C7 NAG D . 0.00 -8.66 -29.47
C8 NAG D . -0.77 -9.73 -30.18
N2 NAG D . 1.30 -8.57 -29.75
O3 NAG D . 1.68 -5.79 -30.26
O4 NAG D . 4.30 -4.72 -29.50
O5 NAG D . 4.03 -7.75 -27.50
O6 NAG D . 6.36 -6.69 -26.33
O7 NAG D . -0.57 -7.90 -28.68
H1 NAG D . 3.98 -8.74 -29.16
H2 NAG D . 1.72 -7.38 -28.22
H3 NAG D . 3.31 -6.85 -30.49
H4 NAG D . 3.02 -5.29 -28.12
H5 NAG D . 5.33 -6.86 -28.71
H61 NAG D . 5.74 -5.04 -27.23
H62 NAG D . 4.67 -5.67 -26.22
H81 NAG D . -0.37 -10.60 -29.96
H82 NAG D . -0.70 -9.58 -31.14
H83 NAG D . -1.70 -9.71 -29.91
HN2 NAG D . 1.67 -9.22 -30.28
HO3 NAG D . 1.21 -5.44 -29.59
HO6 NAG D . 7.15 -6.29 -26.43
C1 NAG D . 3.82 -3.39 -29.31
C2 NAG D . 4.77 -2.49 -30.07
C3 NAG D . 4.30 -1.03 -30.05
C4 NAG D . 2.84 -0.94 -30.49
C5 NAG D . 1.99 -1.93 -29.69
C6 NAG D . 0.54 -1.99 -30.14
C7 NAG D . 7.13 -3.14 -30.20
C8 NAG D . 8.45 -3.15 -29.49
N2 NAG D . 6.11 -2.59 -29.53
O3 NAG D . 5.12 -0.27 -30.92
O4 NAG D . 2.37 0.37 -30.20
O5 NAG D . 2.52 -3.25 -29.83
O6 NAG D . 0.45 -2.26 -31.52
O7 NAG D . 7.00 -3.59 -31.34
H1 NAG D . 3.83 -3.17 -28.37
H2 NAG D . 4.80 -2.78 -31.00
H3 NAG D . 4.39 -0.69 -29.15
H4 NAG D . 2.77 -1.12 -31.44
H5 NAG D . 2.02 -1.67 -28.75
H61 NAG D . 0.11 -1.13 -29.95
H62 NAG D . 0.09 -2.69 -29.64
H81 NAG D . 8.72 -2.24 -29.29
H82 NAG D . 8.37 -3.66 -28.66
H83 NAG D . 9.12 -3.58 -30.06
HN2 NAG D . 6.27 -2.27 -28.69
HO3 NAG D . 5.36 0.48 -30.51
HO6 NAG D . -0.40 -2.43 -31.72
C1 MAN D . 2.89 1.52 -30.92
C2 MAN D . 1.58 2.30 -31.18
C3 MAN D . 1.65 3.18 -32.43
C4 MAN D . 3.09 3.59 -32.72
C5 MAN D . 3.90 2.34 -33.08
C6 MAN D . 5.41 2.62 -33.14
O2 MAN D . 1.38 3.16 -30.07
O3 MAN D . 0.80 4.33 -32.31
O4 MAN D . 3.13 4.48 -33.83
O5 MAN D . 3.64 1.23 -32.12
O6 MAN D . 5.82 3.22 -31.89
H1 MAN D . 3.58 2.11 -30.29
H2 MAN D . 0.76 1.58 -31.27
H3 MAN D . 1.27 2.60 -33.29
H4 MAN D . 3.52 4.04 -31.82
H5 MAN D . 3.60 2.02 -34.09
H61 MAN D . 5.60 3.30 -33.98
H62 MAN D . 5.92 1.68 -33.32
HO2 MAN D . 0.94 2.66 -29.36
HO3 MAN D . 1.13 4.80 -31.52
HO4 MAN D . 2.39 5.10 -33.68
CU CU E . 4.11 2.88 4.40
O1 OXY F . 5.27 5.95 0.14
O2 OXY F . 5.89 5.14 0.79
O1 OXY G . -1.86 6.73 -3.53
O2 OXY G . -2.77 6.23 -4.13
CU CU H . -3.29 1.63 -5.78
#